data_8P37
#
_entry.id   8P37
#
_cell.length_a   112.867
_cell.length_b   112.867
_cell.length_c   54.119
_cell.angle_alpha   90
_cell.angle_beta   90
_cell.angle_gamma   90
#
_symmetry.space_group_name_H-M   'I 4'
#
loop_
_entity.id
_entity.type
_entity.pdbx_description
1 polymer 'IMP dehydrogenase subunit'
2 non-polymer "XANTHOSINE-5'-MONOPHOSPHATE"
3 non-polymer NICOTINAMIDE-ADENINE-DINUCLEOTIDE
4 water water
#
_entity_poly.entity_id   1
_entity_poly.type   'polypeptide(L)'
_entity_poly.pdbx_seq_one_letter_code
;GSHMNITIGRGKTARRAYGIDEIALVPGVRTLDPALADTRWKVGAIEREIPIIASAMDGVVDSRMAVLLSELGALGVVNL
EGIQTRYEDPNPILDRIASVGKTEFVGLMQELYAEPIKPELITKRIQEIQAAGGIAAVSLTPVGASKYASTVAEAGADLL
FIQATVVSTAHLSPESVESLDLVKLCQEMPMPVVLGNCVTYEVSLELMRAGAAAVLVGIGPGAASTSRGVLGVGVPQPTA
IADCAAARDDYLQETGRYVPVIADGGIITGGDICKCIACGADAVMIGSPIARAAEAPGRGFHWGMATPSPVLPRGTRINV
GTTGTIREILVGPAKLDDGTHNLLGAIKTSMGTLGAKDMKEMQQVDVVIAPSLLTEGKVYQKAQQLGMGK
;
_entity_poly.pdbx_strand_id   A
#
loop_
_chem_comp.id
_chem_comp.type
_chem_comp.name
_chem_comp.formula
NAD non-polymer NICOTINAMIDE-ADENINE-DINUCLEOTIDE 'C21 H27 N7 O14 P2'
XMP non-polymer XANTHOSINE-5'-MONOPHOSPHATE 'C10 H14 N4 O9 P 1'
#
# COMPACT_ATOMS: atom_id res chain seq x y z
N ASN A 5 -15.57 12.89 -21.61
CA ASN A 5 -15.44 13.72 -22.80
C ASN A 5 -14.73 13.05 -23.97
N ILE A 6 -14.28 11.80 -23.83
CA ILE A 6 -13.63 11.11 -24.95
C ILE A 6 -14.63 10.16 -25.59
N THR A 7 -14.69 10.07 -26.91
CA THR A 7 -15.48 9.08 -27.60
C THR A 7 -14.59 7.88 -27.97
N ILE A 8 -14.88 6.71 -27.46
CA ILE A 8 -14.22 5.48 -27.93
C ILE A 8 -14.87 5.15 -29.28
N GLY A 9 -16.18 5.16 -29.36
CA GLY A 9 -16.93 4.97 -30.58
C GLY A 9 -18.36 5.43 -30.35
N ARG A 10 -19.21 5.23 -31.32
CA ARG A 10 -20.61 5.69 -31.18
C ARG A 10 -21.26 5.04 -29.96
N GLY A 11 -21.82 5.86 -29.08
CA GLY A 11 -22.45 5.35 -27.88
C GLY A 11 -21.55 4.83 -26.76
N LYS A 12 -20.22 5.06 -26.83
CA LYS A 12 -19.31 4.64 -25.77
C LYS A 12 -18.31 5.75 -25.52
N THR A 13 -18.37 6.33 -24.34
CA THR A 13 -17.52 7.41 -23.91
C THR A 13 -16.58 6.96 -22.82
N ALA A 14 -15.58 7.77 -22.58
CA ALA A 14 -14.53 7.47 -21.61
C ALA A 14 -13.92 8.75 -21.13
N ARG A 15 -13.07 8.69 -20.11
CA ARG A 15 -12.26 9.81 -19.68
C ARG A 15 -10.84 9.34 -19.65
N ARG A 16 -9.93 10.27 -19.84
CA ARG A 16 -8.52 9.97 -19.81
C ARG A 16 -8.04 9.84 -18.37
N ALA A 17 -7.28 8.79 -18.04
CA ALA A 17 -6.68 8.61 -16.73
C ALA A 17 -5.16 8.53 -16.90
N TYR A 18 -4.41 9.11 -15.98
CA TYR A 18 -2.97 9.20 -16.07
C TYR A 18 -2.25 8.34 -15.06
N GLY A 19 -1.22 7.66 -15.48
CA GLY A 19 -0.39 6.81 -14.65
C GLY A 19 0.76 7.54 -13.98
N ILE A 20 1.38 6.86 -13.01
CA ILE A 20 2.50 7.41 -12.24
C ILE A 20 3.65 7.84 -13.15
N ASP A 21 3.90 7.10 -14.23
CA ASP A 21 4.98 7.41 -15.14
C ASP A 21 4.65 8.49 -16.13
N GLU A 22 3.45 9.07 -16.11
CA GLU A 22 3.05 10.13 -17.04
C GLU A 22 3.07 11.51 -16.47
N ILE A 23 3.42 11.70 -15.19
CA ILE A 23 3.32 13.02 -14.57
C ILE A 23 4.65 13.46 -13.97
N ALA A 24 4.75 14.75 -13.68
CA ALA A 24 5.94 15.31 -13.08
C ALA A 24 5.58 16.50 -12.24
N LEU A 25 6.43 16.83 -11.31
CA LEU A 25 6.18 17.90 -10.33
C LEU A 25 6.96 19.17 -10.64
N VAL A 26 6.28 20.31 -10.53
CA VAL A 26 6.84 21.59 -10.96
C VAL A 26 7.19 22.44 -9.76
N PRO A 27 8.39 23.04 -9.72
CA PRO A 27 8.74 23.93 -8.60
C PRO A 27 7.78 25.11 -8.51
N GLY A 28 7.63 25.61 -7.28
CA GLY A 28 6.86 26.80 -6.95
C GLY A 28 7.74 28.02 -7.00
N VAL A 29 7.52 28.95 -6.08
CA VAL A 29 8.26 30.23 -6.04
C VAL A 29 9.16 30.37 -4.80
N ARG A 30 9.30 29.33 -4.00
CA ARG A 30 10.23 29.30 -2.90
C ARG A 30 10.81 27.87 -2.84
N THR A 31 11.93 27.74 -2.19
CA THR A 31 12.54 26.46 -1.91
C THR A 31 12.82 26.40 -0.43
N LEU A 32 13.02 25.19 0.13
CA LEU A 32 13.34 25.08 1.55
C LEU A 32 14.28 23.96 1.77
N ASP A 33 15.05 24.07 2.84
CA ASP A 33 15.99 23.03 3.22
C ASP A 33 15.16 21.76 3.53
N PRO A 34 15.58 20.57 3.06
CA PRO A 34 14.80 19.36 3.35
C PRO A 34 14.56 19.13 4.84
N ALA A 35 15.48 19.57 5.70
CA ALA A 35 15.28 19.39 7.16
C ALA A 35 14.06 20.10 7.69
N LEU A 36 13.52 21.09 6.95
CA LEU A 36 12.33 21.84 7.32
C LEU A 36 11.04 21.26 6.80
N ALA A 37 11.10 20.21 5.98
CA ALA A 37 9.91 19.58 5.36
C ALA A 37 9.24 18.61 6.33
N ASP A 38 7.96 18.86 6.63
CA ASP A 38 7.20 18.04 7.55
C ASP A 38 6.47 16.96 6.79
N THR A 39 6.83 15.72 7.03
CA THR A 39 6.30 14.54 6.34
C THR A 39 5.24 13.75 7.11
N ARG A 40 4.82 14.23 8.27
CA ARG A 40 3.86 13.53 9.10
C ARG A 40 2.52 13.25 8.47
N TRP A 41 1.94 12.15 8.92
CA TRP A 41 0.56 11.83 8.68
C TRP A 41 -0.04 11.27 9.97
N LYS A 42 -1.37 11.06 9.98
CA LYS A 42 -2.03 10.55 11.19
C LYS A 42 -3.20 9.67 10.78
N VAL A 43 -3.37 8.56 11.46
CA VAL A 43 -4.51 7.65 11.25
C VAL A 43 -5.08 7.33 12.62
N GLY A 44 -6.32 7.69 12.85
CA GLY A 44 -6.91 7.59 14.18
C GLY A 44 -6.19 8.54 15.10
N ALA A 45 -5.67 8.04 16.22
CA ALA A 45 -4.84 8.86 17.12
C ALA A 45 -3.34 8.59 16.92
N ILE A 46 -2.96 7.86 15.88
CA ILE A 46 -1.59 7.46 15.65
C ILE A 46 -0.93 8.41 14.68
N GLU A 47 0.00 9.20 15.16
CA GLU A 47 0.79 10.07 14.32
C GLU A 47 2.04 9.32 13.86
N ARG A 48 2.47 9.53 12.63
CA ARG A 48 3.67 8.90 12.11
C ARG A 48 4.55 9.93 11.39
N GLU A 49 5.84 9.90 11.61
CA GLU A 49 6.78 10.78 10.95
C GLU A 49 7.04 10.36 9.52
N ILE A 50 7.00 9.04 9.23
CA ILE A 50 7.26 8.54 7.89
C ILE A 50 5.90 8.16 7.27
N PRO A 51 5.46 8.82 6.16
CA PRO A 51 4.11 8.59 5.61
C PRO A 51 4.11 7.39 4.66
N ILE A 52 4.64 6.26 5.16
CA ILE A 52 4.79 4.98 4.45
C ILE A 52 4.27 3.87 5.32
N ILE A 53 3.46 3.02 4.72
CA ILE A 53 2.95 1.79 5.34
C ILE A 53 3.44 0.64 4.50
N ALA A 54 4.06 -0.38 5.08
CA ALA A 54 4.43 -1.58 4.35
C ALA A 54 3.18 -2.43 4.11
N SER A 55 3.02 -2.86 2.88
CA SER A 55 1.90 -3.69 2.41
C SER A 55 1.78 -4.97 3.22
N ALA A 56 0.55 -5.45 3.34
CA ALA A 56 0.19 -6.70 4.02
C ALA A 56 0.45 -7.88 3.06
N MET A 57 1.74 -8.17 2.86
CA MET A 57 2.24 -9.16 1.94
C MET A 57 3.31 -9.96 2.59
N ASP A 58 3.27 -11.27 2.36
CA ASP A 58 4.15 -12.17 3.09
C ASP A 58 5.62 -12.10 2.77
N GLY A 59 5.98 -11.49 1.64
CA GLY A 59 7.37 -11.22 1.36
C GLY A 59 7.89 -9.93 2.00
N VAL A 60 6.97 -9.10 2.53
CA VAL A 60 7.26 -7.79 3.01
C VAL A 60 7.23 -7.71 4.54
N VAL A 61 6.14 -8.16 5.17
CA VAL A 61 5.90 -7.96 6.59
C VAL A 61 5.72 -9.26 7.35
N ASP A 62 6.53 -9.49 8.36
CA ASP A 62 6.38 -10.48 9.41
C ASP A 62 6.41 -9.65 10.72
N SER A 63 6.36 -10.31 11.88
CA SER A 63 6.33 -9.61 13.14
C SER A 63 7.53 -8.72 13.35
N ARG A 64 8.73 -9.22 13.08
CA ARG A 64 9.92 -8.42 13.25
C ARG A 64 9.89 -7.16 12.39
N MET A 65 9.53 -7.30 11.09
CA MET A 65 9.49 -6.12 10.22
C MET A 65 8.46 -5.12 10.70
N ALA A 66 7.32 -5.60 11.20
CA ALA A 66 6.28 -4.69 11.71
C ALA A 66 6.84 -3.82 12.86
N VAL A 67 7.64 -4.40 13.72
CA VAL A 67 8.25 -3.69 14.85
C VAL A 67 9.33 -2.76 14.34
N LEU A 68 10.21 -3.24 13.47
CA LEU A 68 11.30 -2.37 12.95
C LEU A 68 10.73 -1.13 12.26
N LEU A 69 9.71 -1.31 11.46
CA LEU A 69 9.04 -0.22 10.78
C LEU A 69 8.44 0.76 11.75
N SER A 70 7.75 0.26 12.76
CA SER A 70 7.12 1.13 13.76
C SER A 70 8.17 1.99 14.46
N GLU A 71 9.29 1.38 14.81
CA GLU A 71 10.34 2.08 15.52
C GLU A 71 11.04 3.13 14.68
N LEU A 72 11.03 2.96 13.37
CA LEU A 72 11.58 3.97 12.46
C LEU A 72 10.62 5.12 12.22
N GLY A 73 9.38 5.04 12.65
CA GLY A 73 8.38 6.06 12.44
C GLY A 73 7.40 5.76 11.32
N ALA A 74 7.46 4.54 10.79
CA ALA A 74 6.57 4.07 9.73
C ALA A 74 5.56 3.02 10.34
N LEU A 75 4.95 2.17 9.52
CA LEU A 75 4.03 1.15 9.91
C LEU A 75 4.19 -0.01 8.97
N GLY A 76 3.83 -1.21 9.44
CA GLY A 76 3.76 -2.40 8.62
C GLY A 76 2.51 -3.17 8.97
N VAL A 77 1.84 -3.74 8.00
CA VAL A 77 0.60 -4.47 8.19
C VAL A 77 0.89 -5.96 7.98
N VAL A 78 0.52 -6.77 8.96
CA VAL A 78 0.59 -8.24 8.86
C VAL A 78 -0.74 -8.73 8.24
N ASN A 79 -0.62 -9.53 7.20
CA ASN A 79 -1.79 -10.16 6.58
C ASN A 79 -2.28 -11.34 7.39
N LEU A 80 -3.49 -11.26 7.95
CA LEU A 80 -3.98 -12.35 8.81
C LEU A 80 -4.53 -13.54 8.04
N GLU A 81 -4.56 -13.47 6.72
CA GLU A 81 -4.92 -14.61 5.88
C GLU A 81 -3.71 -15.22 5.17
N GLY A 82 -2.50 -14.77 5.47
CA GLY A 82 -1.30 -15.32 4.87
C GLY A 82 -0.65 -16.37 5.71
N ILE A 83 0.58 -16.67 5.38
CA ILE A 83 1.34 -17.70 6.06
C ILE A 83 1.53 -17.42 7.55
N GLN A 84 1.57 -16.16 7.98
CA GLN A 84 1.83 -15.84 9.37
C GLN A 84 0.80 -16.41 10.32
N THR A 85 -0.45 -16.59 9.91
CA THR A 85 -1.47 -17.15 10.79
C THR A 85 -1.82 -18.60 10.46
N ARG A 86 -1.18 -19.20 9.47
CA ARG A 86 -1.37 -20.58 9.05
C ARG A 86 -0.29 -21.51 9.57
N TYR A 87 0.90 -20.97 9.83
CA TYR A 87 2.01 -21.76 10.32
C TYR A 87 2.59 -21.09 11.55
N GLU A 88 2.86 -21.88 12.57
CA GLU A 88 3.50 -21.37 13.78
C GLU A 88 4.92 -20.89 13.45
N ASP A 89 5.66 -21.63 12.60
CA ASP A 89 6.94 -21.18 12.10
C ASP A 89 6.85 -20.96 10.61
N PRO A 90 6.64 -19.73 10.16
CA PRO A 90 6.58 -19.47 8.72
C PRO A 90 7.90 -19.62 7.97
N ASN A 91 9.03 -19.61 8.68
CA ASN A 91 10.33 -19.52 8.00
C ASN A 91 10.57 -20.62 6.96
N PRO A 92 10.37 -21.92 7.26
CA PRO A 92 10.58 -22.95 6.24
C PRO A 92 9.66 -22.78 5.04
N ILE A 93 8.45 -22.21 5.26
CA ILE A 93 7.49 -22.01 4.19
C ILE A 93 7.96 -20.90 3.28
N LEU A 94 8.42 -19.79 3.88
CA LEU A 94 8.99 -18.66 3.13
C LEU A 94 10.20 -19.09 2.35
N ASP A 95 11.05 -19.96 2.95
CA ASP A 95 12.20 -20.50 2.25
C ASP A 95 11.78 -21.29 1.03
N ARG A 96 10.72 -22.11 1.14
CA ARG A 96 10.27 -22.92 0.03
C ARG A 96 9.75 -22.02 -1.10
N ILE A 97 8.97 -21.01 -0.75
CA ILE A 97 8.42 -20.09 -1.74
C ILE A 97 9.56 -19.38 -2.52
N ALA A 98 10.57 -18.95 -1.81
CA ALA A 98 11.69 -18.25 -2.43
C ALA A 98 12.58 -19.17 -3.27
N SER A 99 12.61 -20.48 -2.97
CA SER A 99 13.54 -21.41 -3.58
C SER A 99 13.08 -22.11 -4.86
N VAL A 100 11.77 -22.23 -5.09
CA VAL A 100 11.27 -22.95 -6.26
C VAL A 100 11.41 -22.12 -7.55
N GLY A 101 11.38 -22.79 -8.69
CA GLY A 101 11.54 -22.13 -9.98
C GLY A 101 10.33 -21.32 -10.41
N LYS A 102 10.51 -20.50 -11.46
CA LYS A 102 9.46 -19.62 -12.01
C LYS A 102 8.23 -20.38 -12.49
N THR A 103 8.36 -21.67 -12.86
CA THR A 103 7.19 -22.44 -13.29
C THR A 103 6.52 -23.20 -12.19
N GLU A 104 7.10 -23.19 -10.95
CA GLU A 104 6.59 -23.93 -9.80
C GLU A 104 5.88 -23.15 -8.73
N PHE A 105 6.11 -21.83 -8.63
CA PHE A 105 5.63 -21.09 -7.47
C PHE A 105 4.12 -20.98 -7.38
N VAL A 106 3.38 -20.96 -8.52
CA VAL A 106 1.94 -20.84 -8.44
C VAL A 106 1.37 -22.07 -7.76
N GLY A 107 1.75 -23.25 -8.26
CA GLY A 107 1.25 -24.50 -7.73
C GLY A 107 1.68 -24.71 -6.29
N LEU A 108 2.91 -24.36 -5.98
CA LEU A 108 3.41 -24.46 -4.63
C LEU A 108 2.58 -23.61 -3.67
N MET A 109 2.35 -22.33 -4.03
CA MET A 109 1.60 -21.45 -3.16
C MET A 109 0.14 -21.86 -3.05
N GLN A 110 -0.44 -22.35 -4.14
CA GLN A 110 -1.83 -22.85 -4.06
C GLN A 110 -1.95 -23.93 -2.96
N GLU A 111 -0.92 -24.77 -2.84
CA GLU A 111 -0.89 -25.80 -1.80
C GLU A 111 -0.57 -25.24 -0.42
N LEU A 112 0.49 -24.43 -0.32
CA LEU A 112 0.95 -23.99 1.00
C LEU A 112 -0.05 -23.09 1.69
N TYR A 113 -0.73 -22.27 0.94
CA TYR A 113 -1.73 -21.36 1.48
C TYR A 113 -3.06 -22.04 1.79
N ALA A 114 -3.24 -23.34 1.44
CA ALA A 114 -4.46 -24.06 1.81
C ALA A 114 -4.43 -24.52 3.28
N GLU A 115 -3.30 -24.44 3.97
CA GLU A 115 -3.19 -24.81 5.39
C GLU A 115 -4.11 -23.86 6.17
N PRO A 116 -5.02 -24.34 7.05
CA PRO A 116 -5.96 -23.40 7.68
C PRO A 116 -5.36 -22.35 8.58
N ILE A 117 -6.06 -21.21 8.66
CA ILE A 117 -5.73 -20.15 9.59
C ILE A 117 -5.95 -20.69 11.02
N LYS A 118 -5.03 -20.38 11.93
CA LYS A 118 -5.13 -20.75 13.33
C LYS A 118 -5.50 -19.46 14.05
N PRO A 119 -6.74 -19.29 14.59
CA PRO A 119 -7.07 -18.02 15.26
C PRO A 119 -6.12 -17.70 16.41
N GLU A 120 -5.51 -18.71 17.08
CA GLU A 120 -4.54 -18.46 18.13
C GLU A 120 -3.34 -17.69 17.59
N LEU A 121 -2.98 -17.89 16.30
CA LEU A 121 -1.89 -17.16 15.70
C LEU A 121 -2.25 -15.73 15.35
N ILE A 122 -3.52 -15.41 15.12
CA ILE A 122 -3.92 -14.00 14.96
C ILE A 122 -3.60 -13.24 16.25
N THR A 123 -4.01 -13.82 17.39
CA THR A 123 -3.75 -13.21 18.72
C THR A 123 -2.26 -13.10 18.96
N LYS A 124 -1.50 -14.18 18.70
CA LYS A 124 -0.08 -14.20 18.93
C LYS A 124 0.67 -13.15 18.16
N ARG A 125 0.38 -12.99 16.85
CA ARG A 125 1.12 -12.00 16.07
C ARG A 125 0.89 -10.59 16.57
N ILE A 126 -0.38 -10.29 16.89
CA ILE A 126 -0.73 -8.98 17.43
C ILE A 126 -0.01 -8.74 18.75
N GLN A 127 -0.08 -9.70 19.68
CA GLN A 127 0.50 -9.51 20.98
C GLN A 127 1.99 -9.49 20.96
N GLU A 128 2.66 -10.24 20.08
CA GLU A 128 4.11 -10.18 20.02
C GLU A 128 4.60 -8.85 19.47
N ILE A 129 3.93 -8.28 18.47
CA ILE A 129 4.29 -6.97 17.91
C ILE A 129 4.14 -5.91 19.01
N GLN A 130 3.02 -5.92 19.72
CA GLN A 130 2.79 -4.96 20.79
C GLN A 130 3.73 -5.14 21.95
N ALA A 131 4.00 -6.38 22.34
CA ALA A 131 4.93 -6.63 23.44
C ALA A 131 6.33 -6.07 23.14
N ALA A 132 6.72 -6.12 21.87
CA ALA A 132 8.00 -5.62 21.37
C ALA A 132 8.03 -4.13 21.17
N GLY A 133 6.95 -3.42 21.45
CA GLY A 133 6.90 -1.98 21.31
C GLY A 133 6.45 -1.46 19.97
N GLY A 134 5.92 -2.33 19.11
CA GLY A 134 5.47 -1.94 17.79
C GLY A 134 3.99 -1.62 17.78
N ILE A 135 3.57 -0.86 16.79
CA ILE A 135 2.16 -0.65 16.48
C ILE A 135 1.69 -1.88 15.68
N ALA A 136 0.66 -2.55 16.16
CA ALA A 136 0.13 -3.76 15.54
C ALA A 136 -1.00 -3.41 14.60
N ALA A 137 -0.70 -3.51 13.32
CA ALA A 137 -1.61 -3.21 12.21
C ALA A 137 -1.79 -4.50 11.43
N VAL A 138 -3.01 -4.91 11.24
CA VAL A 138 -3.33 -6.23 10.67
C VAL A 138 -4.39 -6.12 9.59
N SER A 139 -4.36 -7.00 8.61
CA SER A 139 -5.36 -6.99 7.54
C SER A 139 -6.18 -8.26 7.44
N LEU A 140 -7.42 -8.10 6.99
CA LEU A 140 -8.35 -9.15 6.62
C LEU A 140 -9.13 -8.75 5.39
N THR A 141 -9.48 -9.70 4.55
CA THR A 141 -10.45 -9.46 3.50
C THR A 141 -11.84 -9.32 4.17
N PRO A 142 -12.87 -8.78 3.47
CA PRO A 142 -14.20 -8.68 4.08
C PRO A 142 -14.75 -10.01 4.65
N VAL A 143 -14.58 -11.14 3.93
CA VAL A 143 -15.01 -12.46 4.42
C VAL A 143 -14.15 -12.87 5.63
N GLY A 144 -12.85 -12.63 5.58
CA GLY A 144 -11.99 -12.89 6.73
C GLY A 144 -12.38 -12.09 7.96
N ALA A 145 -12.86 -10.84 7.79
CA ALA A 145 -13.34 -10.04 8.91
C ALA A 145 -14.65 -10.58 9.49
N SER A 146 -15.54 -11.13 8.65
CA SER A 146 -16.76 -11.75 9.16
C SER A 146 -16.40 -12.88 10.14
N LYS A 147 -15.32 -13.62 9.88
CA LYS A 147 -14.90 -14.70 10.78
C LYS A 147 -14.00 -14.27 11.94
N TYR A 148 -13.07 -13.35 11.71
CA TYR A 148 -12.02 -13.05 12.65
C TYR A 148 -11.94 -11.64 13.18
N ALA A 149 -12.83 -10.70 12.82
CA ALA A 149 -12.73 -9.35 13.37
C ALA A 149 -12.90 -9.37 14.89
N SER A 150 -13.74 -10.25 15.44
CA SER A 150 -13.90 -10.30 16.91
C SER A 150 -12.63 -10.81 17.59
N THR A 151 -11.86 -11.66 16.92
CA THR A 151 -10.58 -12.14 17.45
C THR A 151 -9.56 -10.99 17.47
N VAL A 152 -9.55 -10.18 16.41
CA VAL A 152 -8.67 -9.02 16.33
C VAL A 152 -9.03 -8.02 17.45
N ALA A 153 -10.32 -7.76 17.64
CA ALA A 153 -10.76 -6.85 18.68
C ALA A 153 -10.36 -7.35 20.08
N GLU A 154 -10.54 -8.65 20.35
CA GLU A 154 -10.19 -9.27 21.63
C GLU A 154 -8.68 -9.19 21.89
N ALA A 155 -7.89 -9.34 20.84
CA ALA A 155 -6.45 -9.24 20.94
C ALA A 155 -5.98 -7.79 21.15
N GLY A 156 -6.78 -6.80 20.76
CA GLY A 156 -6.47 -5.40 20.97
C GLY A 156 -5.50 -4.82 19.96
N ALA A 157 -5.65 -5.17 18.68
CA ALA A 157 -4.77 -4.59 17.65
C ALA A 157 -4.95 -3.09 17.59
N ASP A 158 -3.91 -2.36 17.18
CA ASP A 158 -3.98 -0.90 17.10
C ASP A 158 -4.67 -0.42 15.84
N LEU A 159 -4.59 -1.16 14.75
CA LEU A 159 -5.28 -0.78 13.49
C LEU A 159 -5.73 -2.03 12.79
N LEU A 160 -6.92 -1.99 12.21
CA LEU A 160 -7.43 -3.06 11.38
C LEU A 160 -7.57 -2.50 9.99
N PHE A 161 -7.07 -3.24 8.99
CA PHE A 161 -7.19 -2.93 7.58
C PHE A 161 -8.10 -4.00 6.97
N ILE A 162 -9.23 -3.59 6.47
CA ILE A 162 -10.10 -4.47 5.67
C ILE A 162 -9.73 -4.19 4.26
N GLN A 163 -9.03 -5.12 3.63
CA GLN A 163 -8.45 -4.86 2.32
C GLN A 163 -8.67 -6.01 1.39
N ALA A 164 -9.12 -5.67 0.20
CA ALA A 164 -9.19 -6.60 -0.89
C ALA A 164 -9.13 -5.81 -2.20
N THR A 165 -9.20 -6.47 -3.35
CA THR A 165 -9.16 -5.79 -4.65
C THR A 165 -10.20 -4.64 -4.68
N VAL A 166 -11.43 -4.97 -4.24
CA VAL A 166 -12.51 -4.03 -3.97
C VAL A 166 -13.14 -4.42 -2.60
N VAL A 167 -13.61 -3.40 -1.87
CA VAL A 167 -14.32 -3.58 -0.61
C VAL A 167 -15.50 -2.66 -0.76
N SER A 168 -16.71 -3.18 -0.52
CA SER A 168 -17.91 -2.46 -0.84
C SER A 168 -18.89 -2.40 0.29
N THR A 169 -19.62 -1.27 0.37
CA THR A 169 -20.73 -1.16 1.26
C THR A 169 -21.95 -1.80 0.62
N ALA A 170 -21.92 -2.11 -0.72
CA ALA A 170 -23.04 -2.72 -1.43
C ALA A 170 -22.56 -4.00 -2.15
N HIS A 171 -22.18 -5.00 -1.39
CA HIS A 171 -21.75 -6.28 -1.92
C HIS A 171 -22.88 -7.30 -1.95
N LEU A 172 -23.10 -7.94 -3.09
CA LEU A 172 -24.10 -8.99 -3.27
C LEU A 172 -23.42 -10.33 -3.19
N SER A 173 -23.93 -11.18 -2.29
CA SER A 173 -23.34 -12.48 -2.04
C SER A 173 -24.42 -13.56 -2.07
N PRO A 174 -24.12 -14.82 -2.42
CA PRO A 174 -25.10 -15.91 -2.15
C PRO A 174 -25.32 -15.96 -0.63
N GLU A 175 -26.49 -16.44 -0.16
CA GLU A 175 -26.79 -16.40 1.27
C GLU A 175 -25.89 -17.29 2.12
N SER A 176 -25.15 -18.24 1.53
CA SER A 176 -24.20 -19.05 2.29
C SER A 176 -22.91 -18.30 2.67
N VAL A 177 -22.66 -17.11 2.08
CA VAL A 177 -21.46 -16.34 2.39
C VAL A 177 -21.88 -15.11 3.15
N GLU A 178 -21.27 -14.85 4.32
CA GLU A 178 -21.63 -13.72 5.14
C GLU A 178 -21.02 -12.45 4.57
N SER A 179 -21.84 -11.56 3.97
CA SER A 179 -21.31 -10.28 3.49
C SER A 179 -21.04 -9.45 4.71
N LEU A 180 -20.00 -8.63 4.62
CA LEU A 180 -19.60 -7.82 5.77
C LEU A 180 -20.30 -6.46 5.73
N ASP A 181 -20.90 -6.08 6.85
CA ASP A 181 -21.53 -4.76 7.04
C ASP A 181 -20.41 -3.85 7.53
N LEU A 182 -19.91 -3.01 6.65
CA LEU A 182 -18.80 -2.15 7.00
C LEU A 182 -19.20 -1.10 8.00
N VAL A 183 -20.44 -0.59 7.94
CA VAL A 183 -20.89 0.44 8.89
C VAL A 183 -20.87 -0.16 10.31
N LYS A 184 -21.43 -1.37 10.45
CA LYS A 184 -21.43 -2.05 11.73
C LYS A 184 -20.02 -2.35 12.20
N LEU A 185 -19.13 -2.79 11.32
CA LEU A 185 -17.75 -3.08 11.68
C LEU A 185 -17.04 -1.85 12.24
N CYS A 186 -17.08 -0.72 11.52
CA CYS A 186 -16.42 0.49 11.96
C CYS A 186 -16.97 0.98 13.29
N GLN A 187 -18.26 0.85 13.49
CA GLN A 187 -18.89 1.27 14.74
C GLN A 187 -18.47 0.37 15.90
N GLU A 188 -18.41 -0.94 15.69
CA GLU A 188 -18.15 -1.90 16.76
C GLU A 188 -16.69 -2.17 17.08
N MET A 189 -15.80 -2.01 16.11
CA MET A 189 -14.38 -2.27 16.37
C MET A 189 -13.82 -1.25 17.33
N PRO A 190 -13.00 -1.65 18.30
CA PRO A 190 -12.48 -0.65 19.27
C PRO A 190 -11.31 0.17 18.75
N MET A 191 -10.82 -0.12 17.55
CA MET A 191 -9.68 0.56 16.97
CA MET A 191 -9.67 0.51 16.94
C MET A 191 -10.06 1.14 15.60
N PRO A 192 -9.29 2.08 15.08
CA PRO A 192 -9.56 2.60 13.72
C PRO A 192 -9.54 1.50 12.67
N VAL A 193 -10.42 1.60 11.67
CA VAL A 193 -10.54 0.61 10.60
C VAL A 193 -10.27 1.28 9.27
N VAL A 194 -9.23 0.83 8.60
CA VAL A 194 -8.84 1.33 7.27
C VAL A 194 -9.54 0.46 6.23
N LEU A 195 -10.19 1.04 5.20
CA LEU A 195 -10.93 0.25 4.22
C LEU A 195 -10.37 0.46 2.84
N GLY A 196 -10.30 -0.61 2.06
CA GLY A 196 -9.94 -0.49 0.67
C GLY A 196 -9.86 -1.81 -0.02
N ASN A 197 -9.68 -1.84 -1.32
CA ASN A 197 -9.17 -0.76 -2.14
C ASN A 197 -10.30 -0.20 -3.00
N CYS A 198 -10.07 1.00 -3.47
CA CYS A 198 -10.96 1.66 -4.36
C CYS A 198 -10.19 2.58 -5.30
N VAL A 199 -10.84 3.07 -6.32
CA VAL A 199 -10.22 3.99 -7.28
C VAL A 199 -11.17 5.10 -7.70
N THR A 200 -12.36 5.22 -7.11
CA THR A 200 -13.34 6.23 -7.52
C THR A 200 -13.78 7.11 -6.39
N TYR A 201 -14.25 8.30 -6.79
CA TYR A 201 -14.83 9.26 -5.87
C TYR A 201 -16.03 8.67 -5.15
N GLU A 202 -16.93 8.00 -5.89
CA GLU A 202 -18.18 7.54 -5.30
C GLU A 202 -17.93 6.49 -4.24
N VAL A 203 -17.03 5.54 -4.48
CA VAL A 203 -16.75 4.49 -3.53
C VAL A 203 -15.96 4.98 -2.34
N SER A 204 -14.93 5.79 -2.58
CA SER A 204 -14.17 6.35 -1.48
C SER A 204 -15.06 7.17 -0.54
N LEU A 205 -15.98 7.97 -1.08
CA LEU A 205 -16.92 8.72 -0.27
C LEU A 205 -17.79 7.80 0.57
N GLU A 206 -18.27 6.70 -0.01
CA GLU A 206 -19.08 5.74 0.72
C GLU A 206 -18.31 5.03 1.82
N LEU A 207 -17.07 4.71 1.57
CA LEU A 207 -16.22 4.10 2.60
C LEU A 207 -16.00 5.06 3.76
N MET A 208 -15.80 6.35 3.44
CA MET A 208 -15.62 7.37 4.48
C MET A 208 -16.92 7.51 5.29
N ARG A 209 -18.07 7.57 4.60
CA ARG A 209 -19.36 7.66 5.28
C ARG A 209 -19.65 6.45 6.13
N ALA A 210 -19.11 5.29 5.78
CA ALA A 210 -19.30 4.09 6.58
C ALA A 210 -18.47 4.10 7.87
N GLY A 211 -17.49 4.99 7.99
CA GLY A 211 -16.69 5.11 9.20
C GLY A 211 -15.22 4.79 9.05
N ALA A 212 -14.70 4.67 7.81
CA ALA A 212 -13.28 4.41 7.57
C ALA A 212 -12.41 5.44 8.26
N ALA A 213 -11.33 4.98 8.85
CA ALA A 213 -10.30 5.86 9.39
C ALA A 213 -9.31 6.33 8.32
N ALA A 214 -9.24 5.63 7.22
CA ALA A 214 -8.39 5.93 6.06
C ALA A 214 -8.91 5.06 4.93
N VAL A 215 -8.62 5.42 3.68
CA VAL A 215 -9.03 4.64 2.50
CA VAL A 215 -9.03 4.66 2.52
C VAL A 215 -7.78 4.31 1.71
N LEU A 216 -7.71 3.10 1.19
CA LEU A 216 -6.63 2.60 0.37
C LEU A 216 -7.03 2.71 -1.11
N VAL A 217 -6.21 3.39 -1.88
CA VAL A 217 -6.46 3.63 -3.29
C VAL A 217 -5.52 2.80 -4.13
N GLY A 218 -6.09 2.02 -5.06
CA GLY A 218 -5.29 1.34 -6.06
C GLY A 218 -5.82 -0.03 -6.42
N ILE A 219 -6.02 -0.28 -7.71
CA ILE A 219 -6.40 -1.58 -8.21
C ILE A 219 -5.41 -1.96 -9.28
N GLY A 220 -4.56 -2.93 -8.99
CA GLY A 220 -3.60 -3.42 -9.95
C GLY A 220 -2.30 -2.70 -10.25
N PRO A 221 -1.89 -1.56 -9.61
CA PRO A 221 -0.58 -0.99 -9.95
C PRO A 221 0.61 -1.80 -9.43
N GLY A 222 0.38 -2.79 -8.56
CA GLY A 222 1.49 -3.47 -7.87
C GLY A 222 2.52 -4.11 -8.73
N ALA A 223 3.74 -4.12 -8.23
CA ALA A 223 4.84 -4.79 -8.91
C ALA A 223 4.63 -6.31 -9.04
N ALA A 224 3.89 -6.91 -8.10
CA ALA A 224 3.62 -8.34 -8.12
C ALA A 224 2.14 -8.62 -8.45
N SER A 225 1.44 -7.61 -9.05
CA SER A 225 0.05 -7.69 -9.37
C SER A 225 -0.17 -8.14 -10.79
N THR A 226 -1.14 -9.05 -10.98
CA THR A 226 -1.58 -9.40 -12.34
C THR A 226 -3.07 -9.14 -12.55
N SER A 227 -3.76 -8.48 -11.60
CA SER A 227 -5.19 -8.23 -11.73
C SER A 227 -5.61 -7.47 -12.96
N ARG A 228 -4.81 -6.51 -13.43
CA ARG A 228 -5.17 -5.75 -14.59
C ARG A 228 -5.17 -6.62 -15.85
N GLY A 229 -4.25 -7.57 -15.95
CA GLY A 229 -4.20 -8.52 -17.05
C GLY A 229 -5.30 -9.56 -16.95
N VAL A 230 -5.61 -10.01 -15.73
CA VAL A 230 -6.64 -11.05 -15.56
C VAL A 230 -8.04 -10.52 -15.75
N LEU A 231 -8.28 -9.29 -15.29
CA LEU A 231 -9.64 -8.72 -15.22
C LEU A 231 -9.90 -7.52 -16.09
N GLY A 232 -8.86 -6.78 -16.46
CA GLY A 232 -9.03 -5.54 -17.23
C GLY A 232 -9.45 -4.35 -16.40
N VAL A 233 -9.48 -4.50 -15.07
CA VAL A 233 -9.97 -3.50 -14.14
C VAL A 233 -8.85 -2.66 -13.59
N GLY A 234 -9.05 -1.34 -13.53
CA GLY A 234 -8.13 -0.47 -12.83
C GLY A 234 -8.22 0.93 -13.32
N VAL A 235 -7.78 1.87 -12.50
CA VAL A 235 -7.63 3.26 -12.88
C VAL A 235 -6.20 3.62 -12.53
N PRO A 236 -5.37 4.12 -13.42
CA PRO A 236 -3.99 4.51 -13.06
C PRO A 236 -3.93 5.47 -11.86
N GLN A 237 -2.86 5.37 -11.11
CA GLN A 237 -2.81 5.91 -9.77
C GLN A 237 -3.05 7.41 -9.65
N PRO A 238 -2.34 8.29 -10.36
CA PRO A 238 -2.60 9.73 -10.21
C PRO A 238 -4.08 10.10 -10.29
N THR A 239 -4.78 9.56 -11.28
CA THR A 239 -6.21 9.86 -11.45
C THR A 239 -7.03 9.29 -10.29
N ALA A 240 -6.77 8.03 -9.91
CA ALA A 240 -7.51 7.38 -8.81
C ALA A 240 -7.31 8.19 -7.52
N ILE A 241 -6.07 8.58 -7.22
CA ILE A 241 -5.72 9.31 -6.01
C ILE A 241 -6.45 10.62 -6.00
N ALA A 242 -6.38 11.37 -7.11
CA ALA A 242 -7.04 12.68 -7.15
C ALA A 242 -8.53 12.56 -6.91
N ASP A 243 -9.18 11.61 -7.57
CA ASP A 243 -10.61 11.43 -7.40
C ASP A 243 -11.00 11.10 -5.94
N CYS A 244 -10.21 10.25 -5.30
CA CYS A 244 -10.46 9.84 -3.91
C CYS A 244 -10.11 10.96 -2.92
N ALA A 245 -9.10 11.78 -3.24
CA ALA A 245 -8.77 12.93 -2.40
C ALA A 245 -9.89 13.97 -2.48
N ALA A 246 -10.57 14.10 -3.62
CA ALA A 246 -11.71 14.99 -3.75
C ALA A 246 -12.85 14.48 -2.84
N ALA A 247 -13.05 13.16 -2.75
CA ALA A 247 -14.03 12.60 -1.85
C ALA A 247 -13.66 12.91 -0.39
N ARG A 248 -12.38 12.77 -0.01
CA ARG A 248 -11.91 13.13 1.32
C ARG A 248 -12.28 14.59 1.63
N ASP A 249 -11.96 15.49 0.71
CA ASP A 249 -12.20 16.92 0.95
C ASP A 249 -13.70 17.23 1.07
N ASP A 250 -14.54 16.57 0.26
CA ASP A 250 -15.98 16.77 0.37
C ASP A 250 -16.52 16.17 1.67
N TYR A 251 -16.04 15.02 2.06
CA TYR A 251 -16.44 14.39 3.31
C TYR A 251 -16.03 15.26 4.51
N LEU A 252 -14.89 15.91 4.44
CA LEU A 252 -14.42 16.80 5.50
C LEU A 252 -15.35 17.99 5.61
N GLN A 253 -15.78 18.55 4.48
CA GLN A 253 -16.71 19.68 4.53
C GLN A 253 -18.06 19.24 5.08
N GLU A 254 -18.53 18.03 4.75
CA GLU A 254 -19.84 17.53 5.16
C GLU A 254 -19.88 17.15 6.65
N THR A 255 -18.75 16.63 7.20
CA THR A 255 -18.74 16.11 8.58
C THR A 255 -17.73 16.69 9.57
N GLY A 256 -16.69 17.36 9.09
CA GLY A 256 -15.58 17.81 9.90
C GLY A 256 -14.57 16.71 10.18
N ARG A 257 -14.74 15.52 9.61
CA ARG A 257 -13.84 14.40 9.85
C ARG A 257 -12.88 14.29 8.68
N TYR A 258 -11.60 14.11 8.99
CA TYR A 258 -10.55 13.98 7.99
C TYR A 258 -10.18 12.51 7.84
N VAL A 259 -10.40 11.98 6.65
CA VAL A 259 -10.08 10.59 6.35
C VAL A 259 -8.94 10.51 5.37
N PRO A 260 -7.72 10.15 5.83
CA PRO A 260 -6.58 10.11 4.91
C PRO A 260 -6.73 9.11 3.77
N VAL A 261 -6.16 9.51 2.66
CA VAL A 261 -6.12 8.78 1.40
C VAL A 261 -4.73 8.19 1.28
N ILE A 262 -4.64 6.88 1.21
CA ILE A 262 -3.35 6.16 1.10
C ILE A 262 -3.24 5.61 -0.32
N ALA A 263 -2.18 6.02 -1.02
CA ALA A 263 -1.90 5.52 -2.38
C ALA A 263 -1.19 4.21 -2.24
N ASP A 264 -1.79 3.14 -2.73
CA ASP A 264 -1.29 1.80 -2.49
C ASP A 264 -0.76 1.08 -3.72
N GLY A 265 0.57 0.94 -3.79
CA GLY A 265 1.23 0.09 -4.78
C GLY A 265 1.75 0.77 -6.02
N GLY A 266 2.60 0.04 -6.70
CA GLY A 266 3.20 0.53 -7.93
C GLY A 266 4.31 1.53 -7.75
N ILE A 267 4.77 1.69 -6.53
CA ILE A 267 5.84 2.64 -6.18
C ILE A 267 7.13 1.87 -6.06
N ILE A 268 8.18 2.38 -6.73
CA ILE A 268 9.51 1.79 -6.64
C ILE A 268 10.50 2.79 -6.01
N THR A 269 10.40 4.07 -6.38
CA THR A 269 11.34 5.11 -6.02
C THR A 269 10.72 6.17 -5.15
N GLY A 270 11.56 7.03 -4.60
CA GLY A 270 11.10 8.24 -3.94
C GLY A 270 10.31 9.15 -4.86
N GLY A 271 10.65 9.20 -6.15
CA GLY A 271 9.91 10.06 -7.06
C GLY A 271 8.49 9.57 -7.25
N ASP A 272 8.30 8.25 -7.28
CA ASP A 272 6.97 7.65 -7.35
C ASP A 272 6.15 8.05 -6.13
N ILE A 273 6.74 8.03 -4.93
CA ILE A 273 6.02 8.45 -3.72
C ILE A 273 5.57 9.89 -3.87
N CYS A 274 6.51 10.75 -4.25
CA CYS A 274 6.23 12.17 -4.35
C CYS A 274 5.13 12.49 -5.33
N LYS A 275 5.13 11.81 -6.46
CA LYS A 275 4.09 11.99 -7.47
C LYS A 275 2.73 11.59 -6.90
N CYS A 276 2.66 10.54 -6.11
CA CYS A 276 1.40 10.14 -5.46
C CYS A 276 0.92 11.14 -4.45
N ILE A 277 1.83 11.68 -3.62
CA ILE A 277 1.44 12.73 -2.68
C ILE A 277 0.92 13.94 -3.40
N ALA A 278 1.61 14.33 -4.49
CA ALA A 278 1.20 15.53 -5.25
C ALA A 278 -0.18 15.40 -5.85
N CYS A 279 -0.68 14.18 -6.06
CA CYS A 279 -2.02 13.99 -6.55
C CYS A 279 -3.07 13.92 -5.47
N GLY A 280 -2.69 14.03 -4.21
CA GLY A 280 -3.60 14.10 -3.10
C GLY A 280 -3.38 13.10 -1.98
N ALA A 281 -2.43 12.17 -2.08
CA ALA A 281 -2.26 11.17 -1.05
C ALA A 281 -1.68 11.77 0.24
N ASP A 282 -2.23 11.30 1.36
CA ASP A 282 -1.71 11.64 2.69
C ASP A 282 -0.54 10.74 3.09
N ALA A 283 -0.47 9.56 2.51
CA ALA A 283 0.52 8.53 2.80
C ALA A 283 0.53 7.53 1.67
N VAL A 284 1.52 6.66 1.63
CA VAL A 284 1.59 5.62 0.63
C VAL A 284 1.75 4.28 1.33
N MET A 285 1.26 3.25 0.65
CA MET A 285 1.45 1.87 1.04
C MET A 285 2.29 1.24 -0.04
N ILE A 286 3.45 0.65 0.37
CA ILE A 286 4.41 0.09 -0.56
C ILE A 286 4.85 -1.27 -0.09
N GLY A 287 5.13 -2.17 -1.03
CA GLY A 287 5.59 -3.51 -0.74
C GLY A 287 6.94 -3.78 -1.30
N SER A 288 7.05 -3.72 -2.66
CA SER A 288 8.30 -4.13 -3.28
C SER A 288 9.53 -3.37 -2.75
N PRO A 289 9.47 -2.08 -2.46
CA PRO A 289 10.70 -1.41 -1.99
C PRO A 289 11.18 -1.94 -0.63
N ILE A 290 10.24 -2.45 0.17
CA ILE A 290 10.52 -2.96 1.53
C ILE A 290 10.90 -4.43 1.48
N ALA A 291 10.36 -5.16 0.50
CA ALA A 291 10.78 -6.55 0.25
C ALA A 291 12.27 -6.60 -0.12
N ARG A 292 12.90 -5.48 -0.50
CA ARG A 292 14.33 -5.42 -0.80
C ARG A 292 15.22 -5.26 0.44
N ALA A 293 14.62 -5.21 1.63
CA ALA A 293 15.36 -5.06 2.87
C ALA A 293 16.02 -6.35 3.27
N ALA A 294 17.15 -6.24 3.94
CA ALA A 294 17.84 -7.41 4.48
C ALA A 294 16.94 -8.19 5.43
N GLU A 295 16.05 -7.49 6.14
CA GLU A 295 15.19 -8.13 7.13
C GLU A 295 13.87 -8.63 6.54
N ALA A 296 13.62 -8.47 5.27
CA ALA A 296 12.34 -8.83 4.65
C ALA A 296 12.13 -10.32 4.64
N PRO A 297 10.93 -10.77 5.00
CA PRO A 297 10.67 -12.21 5.01
C PRO A 297 10.67 -12.91 3.67
N GLY A 298 10.62 -12.19 2.58
CA GLY A 298 10.57 -12.79 1.26
C GLY A 298 11.88 -13.34 0.72
N ARG A 299 12.97 -13.14 1.46
CA ARG A 299 14.31 -13.63 1.06
C ARG A 299 14.76 -13.17 -0.33
N GLY A 300 14.38 -11.96 -0.68
CA GLY A 300 14.70 -11.33 -1.94
C GLY A 300 13.61 -11.49 -2.99
N PHE A 301 12.54 -12.23 -2.66
CA PHE A 301 11.39 -12.40 -3.53
C PHE A 301 10.21 -11.63 -2.95
N HIS A 302 9.24 -11.37 -3.82
CA HIS A 302 8.05 -10.59 -3.50
C HIS A 302 6.91 -11.12 -4.33
N TRP A 303 5.83 -11.54 -3.71
CA TRP A 303 4.69 -12.13 -4.41
C TRP A 303 3.36 -11.52 -4.02
N GLY A 304 2.42 -11.53 -4.96
CA GLY A 304 1.10 -11.03 -4.69
C GLY A 304 0.36 -12.00 -3.80
N MET A 305 -0.51 -11.48 -2.95
CA MET A 305 -1.30 -12.29 -2.02
C MET A 305 -2.52 -12.94 -2.67
N ALA A 306 -2.77 -12.72 -3.96
CA ALA A 306 -3.73 -13.49 -4.73
C ALA A 306 -3.05 -14.48 -5.68
N THR A 307 -1.71 -14.58 -5.68
CA THR A 307 -0.99 -15.62 -6.40
C THR A 307 -1.45 -17.02 -5.93
N PRO A 308 -1.72 -17.26 -4.61
CA PRO A 308 -2.12 -18.61 -4.19
C PRO A 308 -3.54 -18.95 -4.45
N SER A 309 -4.37 -18.11 -5.17
CA SER A 309 -5.76 -18.50 -5.41
C SER A 309 -5.81 -19.89 -6.05
N PRO A 310 -6.61 -20.83 -5.53
CA PRO A 310 -6.68 -22.16 -6.15
C PRO A 310 -7.41 -22.18 -7.49
N VAL A 311 -8.17 -21.13 -7.82
CA VAL A 311 -8.93 -21.09 -9.06
C VAL A 311 -8.48 -20.04 -10.07
N LEU A 312 -8.00 -18.89 -9.62
CA LEU A 312 -7.64 -17.80 -10.52
C LEU A 312 -6.60 -16.89 -9.90
N PRO A 313 -5.32 -17.28 -9.97
CA PRO A 313 -4.26 -16.41 -9.43
C PRO A 313 -4.26 -15.04 -10.08
N ARG A 314 -4.14 -14.02 -9.25
CA ARG A 314 -4.13 -12.62 -9.69
C ARG A 314 -2.91 -11.85 -9.17
N GLY A 315 -1.84 -12.58 -8.88
CA GLY A 315 -0.55 -12.02 -8.52
C GLY A 315 0.51 -12.96 -9.04
N THR A 316 1.75 -12.50 -9.01
CA THR A 316 2.90 -13.33 -9.39
C THR A 316 4.00 -13.18 -8.35
N ARG A 317 5.10 -13.94 -8.49
CA ARG A 317 6.27 -13.83 -7.65
C ARG A 317 7.38 -13.20 -8.50
N ILE A 318 7.99 -12.14 -8.02
CA ILE A 318 9.14 -11.50 -8.68
C ILE A 318 10.36 -11.55 -7.76
N ASN A 319 11.53 -11.41 -8.36
CA ASN A 319 12.79 -11.38 -7.65
C ASN A 319 13.19 -9.91 -7.54
N VAL A 320 13.07 -9.32 -6.34
CA VAL A 320 13.45 -7.93 -6.14
C VAL A 320 14.88 -7.76 -5.61
N GLY A 321 15.48 -8.83 -5.13
CA GLY A 321 16.79 -8.78 -4.56
C GLY A 321 16.81 -8.14 -3.18
N THR A 322 18.02 -7.94 -2.66
CA THR A 322 18.22 -7.39 -1.32
C THR A 322 19.26 -6.33 -1.49
N THR A 323 18.91 -5.07 -1.18
CA THR A 323 19.80 -3.94 -1.44
C THR A 323 20.29 -3.14 -0.25
N GLY A 324 19.78 -3.42 0.94
CA GLY A 324 20.16 -2.70 2.13
C GLY A 324 19.29 -3.10 3.29
N THR A 325 19.54 -2.50 4.46
CA THR A 325 18.68 -2.73 5.60
C THR A 325 17.41 -1.87 5.42
N ILE A 326 16.37 -2.21 6.21
CA ILE A 326 15.16 -1.42 6.20
C ILE A 326 15.45 0.01 6.65
N ARG A 327 16.39 0.23 7.57
CA ARG A 327 16.78 1.57 7.96
C ARG A 327 17.37 2.32 6.71
N GLU A 328 18.30 1.69 6.00
CA GLU A 328 18.85 2.34 4.80
C GLU A 328 17.77 2.65 3.76
N ILE A 329 16.83 1.75 3.59
CA ILE A 329 15.76 1.96 2.63
C ILE A 329 14.87 3.11 3.04
N LEU A 330 14.51 3.23 4.33
CA LEU A 330 13.60 4.33 4.70
C LEU A 330 14.32 5.65 5.02
N VAL A 331 15.44 5.63 5.73
CA VAL A 331 16.07 6.86 6.20
C VAL A 331 17.52 6.98 5.87
N GLY A 332 18.07 6.07 5.07
CA GLY A 332 19.43 6.17 4.60
C GLY A 332 20.47 5.92 5.66
N PRO A 333 21.73 6.30 5.37
CA PRO A 333 22.19 6.95 4.12
C PRO A 333 22.02 6.04 2.90
N ALA A 334 21.63 6.63 1.74
CA ALA A 334 21.47 5.83 0.54
C ALA A 334 22.79 5.37 -0.02
N LYS A 335 22.82 4.11 -0.46
CA LYS A 335 23.94 3.44 -1.09
C LYS A 335 23.80 3.35 -2.63
N LEU A 336 22.61 3.69 -3.15
CA LEU A 336 22.27 3.58 -4.55
C LEU A 336 21.99 4.91 -5.20
N ASP A 337 22.02 4.90 -6.52
CA ASP A 337 21.77 6.12 -7.27
C ASP A 337 20.42 6.23 -7.87
N ASP A 338 19.48 5.32 -7.54
CA ASP A 338 18.21 5.21 -8.27
C ASP A 338 16.96 5.67 -7.48
N GLY A 339 17.13 6.21 -6.28
CA GLY A 339 16.03 6.69 -5.47
C GLY A 339 15.25 5.60 -4.77
N THR A 340 15.83 4.42 -4.61
CA THR A 340 15.15 3.32 -3.91
C THR A 340 15.61 3.16 -2.48
N HIS A 341 16.59 3.96 -2.04
CA HIS A 341 17.05 4.08 -0.68
C HIS A 341 16.73 5.45 -0.12
N ASN A 342 16.78 5.59 1.20
CA ASN A 342 16.48 6.84 1.88
C ASN A 342 15.20 7.46 1.37
N LEU A 343 14.12 6.67 1.37
CA LEU A 343 12.86 7.17 0.83
C LEU A 343 12.37 8.43 1.58
N LEU A 344 12.55 8.50 2.89
CA LEU A 344 12.14 9.70 3.63
C LEU A 344 12.98 10.90 3.19
N GLY A 345 14.28 10.71 3.01
CA GLY A 345 15.14 11.78 2.51
C GLY A 345 14.74 12.24 1.14
N ALA A 346 14.34 11.31 0.28
CA ALA A 346 13.88 11.66 -1.06
C ALA A 346 12.61 12.50 -0.98
N ILE A 347 11.63 12.13 -0.11
CA ILE A 347 10.41 12.91 0.05
C ILE A 347 10.78 14.32 0.54
N LYS A 348 11.62 14.43 1.60
CA LYS A 348 11.93 15.73 2.14
C LYS A 348 12.69 16.58 1.12
N THR A 349 13.61 15.97 0.35
CA THR A 349 14.38 16.68 -0.64
C THR A 349 13.48 17.17 -1.78
N SER A 350 12.51 16.37 -2.18
CA SER A 350 11.56 16.76 -3.22
C SER A 350 10.67 17.87 -2.73
N MET A 351 10.10 17.74 -1.52
CA MET A 351 9.30 18.81 -0.90
C MET A 351 10.13 20.10 -0.83
N GLY A 352 11.39 20.00 -0.44
CA GLY A 352 12.26 21.17 -0.34
C GLY A 352 12.39 21.88 -1.68
N THR A 353 12.67 21.10 -2.73
CA THR A 353 12.83 21.61 -4.09
C THR A 353 11.59 22.35 -4.57
N LEU A 354 10.42 21.84 -4.16
CA LEU A 354 9.14 22.38 -4.56
C LEU A 354 8.59 23.45 -3.67
N GLY A 355 9.23 23.72 -2.53
CA GLY A 355 8.77 24.71 -1.57
C GLY A 355 7.64 24.25 -0.69
N ALA A 356 7.39 22.94 -0.61
CA ALA A 356 6.30 22.39 0.16
C ALA A 356 6.76 22.19 1.59
N LYS A 357 6.14 22.89 2.55
CA LYS A 357 6.51 22.84 3.97
C LYS A 357 5.97 21.63 4.70
N ASP A 358 4.88 21.06 4.19
CA ASP A 358 4.21 19.95 4.83
C ASP A 358 3.46 19.15 3.77
N MET A 359 2.91 18.00 4.18
CA MET A 359 2.27 17.10 3.23
C MET A 359 1.07 17.72 2.54
N LYS A 360 0.32 18.55 3.22
CA LYS A 360 -0.80 19.22 2.59
C LYS A 360 -0.35 20.15 1.47
N GLU A 361 0.76 20.87 1.67
CA GLU A 361 1.31 21.71 0.60
C GLU A 361 1.83 20.86 -0.53
N MET A 362 2.42 19.69 -0.24
CA MET A 362 2.92 18.80 -1.28
C MET A 362 1.77 18.36 -2.19
N GLN A 363 0.59 18.13 -1.59
CA GLN A 363 -0.61 17.74 -2.35
C GLN A 363 -1.11 18.87 -3.28
N GLN A 364 -0.63 20.08 -3.12
CA GLN A 364 -1.04 21.27 -3.85
C GLN A 364 0.00 21.72 -4.88
N VAL A 365 1.08 20.95 -5.07
CA VAL A 365 2.10 21.36 -6.02
C VAL A 365 1.55 21.25 -7.44
N ASP A 366 2.11 22.11 -8.30
CA ASP A 366 1.73 22.06 -9.71
C ASP A 366 2.28 20.82 -10.35
N VAL A 367 1.49 20.22 -11.23
CA VAL A 367 1.84 18.98 -11.93
C VAL A 367 1.76 19.21 -13.44
N VAL A 368 2.64 18.59 -14.18
CA VAL A 368 2.57 18.55 -15.63
C VAL A 368 2.31 17.11 -16.05
N ILE A 369 1.68 16.97 -17.20
CA ILE A 369 1.61 15.69 -17.91
C ILE A 369 2.88 15.65 -18.74
N ALA A 370 3.73 14.66 -18.46
CA ALA A 370 5.09 14.65 -18.97
C ALA A 370 5.54 13.23 -19.17
N PRO A 371 5.00 12.55 -20.19
CA PRO A 371 5.48 11.18 -20.50
C PRO A 371 6.98 11.11 -20.79
N SER A 372 7.63 12.22 -21.17
CA SER A 372 9.08 12.18 -21.40
CA SER A 372 9.08 12.20 -21.39
C SER A 372 9.90 12.37 -20.12
N LEU A 373 9.28 12.51 -18.95
CA LEU A 373 10.07 12.72 -17.73
C LEU A 373 11.09 11.61 -17.52
N LEU A 374 10.69 10.37 -17.68
CA LEU A 374 11.59 9.25 -17.40
C LEU A 374 12.41 8.79 -18.56
N THR A 375 12.27 9.39 -19.75
CA THR A 375 13.03 8.96 -20.91
C THR A 375 13.97 10.04 -21.49
N GLU A 376 13.64 11.33 -21.34
CA GLU A 376 14.44 12.42 -21.89
C GLU A 376 15.89 12.35 -21.40
N GLY A 377 16.84 12.22 -22.30
CA GLY A 377 18.25 12.09 -21.97
C GLY A 377 18.72 10.76 -21.44
N LYS A 378 17.84 9.76 -21.28
CA LYS A 378 18.16 8.55 -20.53
C LYS A 378 18.63 7.38 -21.36
N VAL A 379 19.00 7.56 -22.62
CA VAL A 379 19.40 6.43 -23.46
C VAL A 379 20.55 5.61 -22.89
N TYR A 380 21.57 6.26 -22.33
CA TYR A 380 22.71 5.50 -21.80
C TYR A 380 22.30 4.72 -20.56
N GLN A 381 21.52 5.34 -19.69
CA GLN A 381 21.07 4.68 -18.47
C GLN A 381 20.22 3.44 -18.79
N LYS A 382 19.38 3.54 -19.81
CA LYS A 382 18.58 2.40 -20.25
C LYS A 382 19.49 1.33 -20.86
N ALA A 383 20.42 1.70 -21.72
CA ALA A 383 21.28 0.73 -22.40
C ALA A 383 22.16 0.02 -21.42
N GLN A 384 22.67 0.71 -20.41
CA GLN A 384 23.66 0.16 -19.49
C GLN A 384 23.09 -0.33 -18.18
N GLN A 385 21.78 -0.22 -18.01
CA GLN A 385 21.06 -0.67 -16.82
C GLN A 385 21.65 -0.03 -15.57
N LEU A 386 21.69 1.30 -15.61
CA LEU A 386 22.23 2.12 -14.55
C LEU A 386 21.26 3.19 -14.21
N GLY A 387 21.33 3.72 -12.99
CA GLY A 387 20.49 4.83 -12.59
C GLY A 387 19.00 4.55 -12.67
N MET A 388 18.27 5.34 -13.46
CA MET A 388 16.84 5.18 -13.70
C MET A 388 16.55 3.99 -14.65
N GLY A 389 17.57 3.38 -15.26
CA GLY A 389 17.36 2.27 -16.20
C GLY A 389 17.78 0.90 -15.74
P XMP B . 3.91 -3.20 -4.80
O1P XMP B . 4.68 -2.56 -3.67
O2P XMP B . 4.14 -4.67 -4.94
O5' XMP B . 2.30 -3.01 -4.45
O3P XMP B . 4.04 -2.42 -6.11
C5' XMP B . 1.82 -3.59 -3.30
C4' XMP B . 0.30 -3.61 -3.33
O4' XMP B . -0.12 -4.59 -4.30
C1' XMP B . -1.41 -5.03 -3.97
N9 XMP B . -1.42 -6.51 -4.05
C4 XMP B . -1.83 -7.21 -5.13
N3 XMP B . -2.43 -6.76 -6.29
N1 XMP B . -2.60 -9.02 -6.90
C2 XMP B . -2.88 -7.69 -7.16
O2 XMP B . -3.39 -7.38 -8.24
C6 XMP B . -1.99 -9.53 -5.80
O6 XMP B . -1.83 -10.74 -5.71
C5 XMP B . -1.69 -8.55 -4.85
N7 XMP B . -1.07 -8.61 -3.60
C8 XMP B . -0.92 -7.39 -3.17
C2' XMP B . -1.77 -4.50 -2.56
O2' XMP B . -2.65 -3.37 -2.80
C3' XMP B . -0.36 -4.13 -2.06
O3' XMP B . -0.37 -3.18 -1.02
H5'2 XMP B . 2.14 -4.65 -3.12
H5'1 XMP B . 2.07 -3.02 -2.36
H4' XMP B . -0.07 -2.59 -3.64
H1' XMP B . -2.11 -4.75 -4.78
H3 XMP B . -2.64 -5.83 -6.51
H1 XMP B . -2.86 -9.66 -7.63
H7 XMP B . -0.54 -9.33 -3.28
H8 XMP B . -0.43 -7.13 -2.22
H2' XMP B . -2.22 -5.31 -1.95
H2O1 XMP B . -3.47 -3.54 -2.32
H3' XMP B . 0.20 -5.05 -1.75
H3O1 XMP B . -1.11 -3.40 -0.41
PA NAD C . -10.56 -12.04 -2.17
O1A NAD C . -10.65 -12.46 -3.55
O2A NAD C . -10.51 -13.11 -1.14
O5B NAD C . -11.77 -11.02 -1.63
C5B NAD C . -12.27 -9.95 -2.38
C4B NAD C . -13.64 -10.11 -2.69
O4B NAD C . -14.44 -9.73 -1.49
C3B NAD C . -14.16 -8.98 -3.67
O3B NAD C . -13.73 -9.36 -5.05
C2B NAD C . -15.44 -9.00 -3.53
O2B NAD C . -16.17 -10.08 -4.27
C1B NAD C . -15.65 -9.29 -1.90
N9A NAD C . -16.12 -8.15 -1.18
C8A NAD C . -16.15 -6.84 -1.32
N7A NAD C . -16.82 -6.29 -0.32
C5A NAD C . -17.30 -7.31 0.41
C6A NAD C . -18.14 -7.28 1.47
N6A NAD C . -18.59 -6.16 2.21
N1A NAD C . -18.48 -8.43 2.03
C2A NAD C . -18.04 -9.61 1.52
N3A NAD C . -17.26 -9.63 0.42
C4A NAD C . -16.91 -8.48 -0.13
O3 NAD C . -9.26 -11.14 -1.97
PN NAD C . -8.33 -10.36 -3.01
O1N NAD C . -9.07 -9.21 -3.62
O2N NAD C . -7.64 -11.34 -3.88
O5D NAD C . -7.23 -9.73 -1.95
C5D NAD C . -6.45 -10.64 -1.19
C4D NAD C . -5.19 -10.07 -0.87
O4D NAD C . -4.35 -9.71 -2.05
C3D NAD C . -5.22 -8.70 -0.06
O3D NAD C . -4.02 -8.69 0.85
C2D NAD C . -5.16 -7.74 -1.00
O2D NAD C . -4.50 -6.46 -0.63
C1D NAD C . -4.32 -8.39 -2.25
N1N NAD C . -4.88 -8.02 -3.54
C2N NAD C . -4.88 -6.74 -3.92
C3N NAD C . -5.30 -6.39 -5.20
C7N NAD C . -5.31 -4.94 -5.65
O7N NAD C . -5.26 -4.66 -6.84
N7N NAD C . -5.28 -3.88 -4.69
C4N NAD C . -5.64 -7.34 -6.09
C5N NAD C . -5.59 -8.64 -5.72
C6N NAD C . -5.20 -8.95 -4.46
H51A NAD C . -11.69 -9.79 -3.28
H52A NAD C . -12.26 -9.07 -1.77
H4B NAD C . -13.88 -11.11 -3.06
H3B NAD C . -13.69 -8.02 -3.40
HO3A NAD C . -13.97 -10.26 -5.25
H2B NAD C . -15.95 -8.06 -3.83
HO2A NAD C . -16.31 -9.82 -5.17
H1B NAD C . -16.34 -10.12 -1.73
H8A NAD C . -15.59 -6.29 -2.07
H61A NAD C . -18.50 -5.25 1.82
H62A NAD C . -18.97 -6.27 3.13
H2A NAD C . -18.41 -10.46 2.08
H51N NAD C . -6.27 -11.57 -1.73
H52N NAD C . -6.97 -10.86 -0.27
H4D NAD C . -4.64 -10.86 -0.33
H3D NAD C . -6.11 -8.67 0.58
HO3N NAD C . -3.27 -9.16 0.51
H2D NAD C . -6.14 -7.53 -1.42
HO2N NAD C . -4.88 -5.74 -1.12
H1D NAD C . -3.28 -8.06 -2.23
H2N NAD C . -4.56 -5.96 -3.22
H71N NAD C . -5.30 -4.07 -3.71
H72N NAD C . -5.28 -2.93 -5.00
H4N NAD C . -5.98 -7.07 -7.08
H5N NAD C . -5.89 -9.43 -6.40
H6N NAD C . -5.27 -10.02 -4.42
#